data_7Y3J
#
_entry.id   7Y3J
#
_cell.length_a   49.589
_cell.length_b   127.883
_cell.length_c   160.342
_cell.angle_alpha   90.000
_cell.angle_beta   90.000
_cell.angle_gamma   90.000
#
_symmetry.space_group_name_H-M   'C 2 2 21'
#
loop_
_entity.id
_entity.type
_entity.pdbx_description
1 polymer '24B3 Light chain'
2 polymer '24B3 Heavy chain'
3 polymer ALA-LEU-VAL-PHE-PHE-ALA-PRO-ALA-VAL-GLY-SER
4 water water
#
loop_
_entity_poly.entity_id
_entity_poly.type
_entity_poly.pdbx_seq_one_letter_code
_entity_poly.pdbx_strand_id
1 'polypeptide(L)'
;DVVMTQTPLSLPVSLGDQASISCRCSQSLVHRNGNTNLHWYLQKSGQSPKLLIYKVSNRFSGVPDRFSGSGSGTDFTLKI
SRVEAEDLGVYFCSQSTYVPLTFGVGTKLELKRADAAPTVSIFPPSSEQLTSGGASVVCFLNNFYPKDINVKWKIDGSER
QNGVLNSWTDQDSKDSTYSMSSTLTLTKDEYERHNSYTCEATHKTSTSPIVKSFNRN
;
L
2 'polypeptide(L)'
;EVQLQQSGPELVKPGASVKIFCKASGYTFTDYNMDWVKQSHGKRLEWIGDINPNTGVTIDNPKFKGKATLTVDESSSTVY
MELRSLSSEDTAVYYCARLPDNYVMDYWGQGTSVTVSAAKTTPPSVYPLAPGSAAQTNSMVTLGCLVKGYFPEPVTVTWN
SGSLSSGVHTFPAVLQSDLYTLSSSVTVPSSTWPSQTVTCNVAHPASSTKVDKKIVPRD
;
H
3 'polypeptide(L)' KLVFFAPDVGS A
#
# COMPACT_ATOMS: atom_id res chain seq x y z
N ASP A 1 -0.37 -2.22 -25.51
CA ASP A 1 -0.40 -3.17 -24.40
C ASP A 1 -1.74 -3.90 -24.32
N VAL A 2 -1.70 -5.16 -23.94
CA VAL A 2 -2.91 -5.95 -23.73
C VAL A 2 -3.52 -5.54 -22.39
N VAL A 3 -4.79 -5.16 -22.41
CA VAL A 3 -5.47 -4.64 -21.23
C VAL A 3 -6.09 -5.80 -20.46
N MET A 4 -5.86 -5.84 -19.16
CA MET A 4 -6.43 -6.84 -18.26
C MET A 4 -7.46 -6.16 -17.38
N THR A 5 -8.72 -6.57 -17.52
CA THR A 5 -9.84 -5.98 -16.78
C THR A 5 -10.40 -7.02 -15.81
N GLN A 6 -10.32 -6.71 -14.52
CA GLN A 6 -10.76 -7.63 -13.47
C GLN A 6 -12.07 -7.17 -12.87
N THR A 7 -12.96 -8.13 -12.57
CA THR A 7 -14.24 -7.87 -11.96
C THR A 7 -14.47 -8.94 -10.89
N PRO A 8 -14.80 -8.54 -9.66
CA PRO A 8 -14.95 -7.18 -9.17
C PRO A 8 -13.65 -6.60 -8.61
N LEU A 9 -13.66 -5.34 -8.20
CA LEU A 9 -12.50 -4.77 -7.53
C LEU A 9 -12.43 -5.20 -6.07
N SER A 10 -13.58 -5.28 -5.41
CA SER A 10 -13.69 -5.73 -4.03
C SER A 10 -14.65 -6.91 -3.96
N LEU A 11 -14.22 -7.99 -3.34
CA LEU A 11 -15.02 -9.21 -3.21
C LEU A 11 -15.13 -9.59 -1.74
N PRO A 12 -16.12 -9.04 -1.03
CA PRO A 12 -16.34 -9.45 0.36
C PRO A 12 -17.00 -10.82 0.42
N VAL A 13 -16.44 -11.70 1.25
CA VAL A 13 -16.96 -13.05 1.42
C VAL A 13 -16.91 -13.42 2.89
N SER A 14 -17.78 -14.35 3.27
CA SER A 14 -17.65 -15.04 4.54
C SER A 14 -16.84 -16.31 4.33
N LEU A 15 -16.13 -16.73 5.37
CA LEU A 15 -15.37 -17.97 5.29
C LEU A 15 -16.29 -19.13 4.96
N GLY A 16 -15.90 -19.92 3.96
CA GLY A 16 -16.71 -21.00 3.46
C GLY A 16 -17.44 -20.71 2.16
N ASP A 17 -17.69 -19.45 1.87
CA ASP A 17 -18.29 -19.08 0.59
C ASP A 17 -17.38 -19.46 -0.56
N GLN A 18 -17.97 -19.53 -1.75
CA GLN A 18 -17.19 -19.65 -2.98
C GLN A 18 -17.01 -18.26 -3.58
N ALA A 19 -15.89 -18.07 -4.27
CA ALA A 19 -15.53 -16.79 -4.84
C ALA A 19 -15.16 -16.97 -6.30
N SER A 20 -15.63 -16.05 -7.14
CA SER A 20 -15.34 -16.05 -8.57
C SER A 20 -14.79 -14.70 -8.97
N ILE A 21 -13.59 -14.69 -9.54
CA ILE A 21 -12.94 -13.46 -9.98
C ILE A 21 -12.78 -13.54 -11.50
N SER A 22 -13.30 -12.54 -12.21
CA SER A 22 -13.26 -12.52 -13.65
C SER A 22 -12.11 -11.65 -14.15
N CYS A 23 -11.56 -12.03 -15.30
CA CYS A 23 -10.46 -11.32 -15.93
C CYS A 23 -10.66 -11.36 -17.43
N ARG A 24 -11.07 -10.24 -18.03
CA ARG A 24 -11.30 -10.14 -19.45
C ARG A 24 -10.19 -9.33 -20.10
N CYS A 25 -9.72 -9.79 -21.25
CA CYS A 25 -8.60 -9.18 -21.95
C CYS A 25 -9.07 -8.52 -23.24
N SER A 26 -8.19 -7.67 -23.79
CA SER A 26 -8.52 -6.92 -25.00
C SER A 26 -8.40 -7.78 -26.25
N GLN A 27 -7.56 -8.82 -26.22
CA GLN A 27 -7.37 -9.67 -27.38
C GLN A 27 -7.00 -11.07 -26.92
N SER A 28 -7.06 -12.01 -27.85
CA SER A 28 -6.76 -13.41 -27.55
C SER A 28 -5.34 -13.55 -27.00
N LEU A 29 -5.15 -14.53 -26.11
CA LEU A 29 -3.89 -14.75 -25.44
C LEU A 29 -3.19 -16.03 -25.91
N VAL A 30 -3.58 -16.56 -27.06
CA VAL A 30 -3.00 -17.80 -27.57
C VAL A 30 -1.61 -17.48 -28.12
N HIS A 31 -0.57 -17.91 -27.41
CA HIS A 31 0.79 -17.76 -27.89
C HIS A 31 0.99 -18.58 -29.16
N ARG A 32 2.01 -18.20 -29.94
CA ARG A 32 2.32 -18.96 -31.15
C ARG A 32 2.75 -20.39 -30.83
N ASN A 33 3.21 -20.65 -29.62
CA ASN A 33 3.57 -22.00 -29.21
C ASN A 33 2.37 -22.84 -28.79
N GLY A 34 1.15 -22.30 -28.90
CA GLY A 34 -0.06 -23.00 -28.56
C GLY A 34 -0.59 -22.70 -27.18
N ASN A 35 0.26 -22.30 -26.24
CA ASN A 35 -0.17 -22.08 -24.87
C ASN A 35 -0.93 -20.76 -24.73
N THR A 36 -1.92 -20.77 -23.82
CA THR A 36 -2.63 -19.56 -23.43
C THR A 36 -1.99 -19.06 -22.14
N ASN A 37 -1.13 -18.07 -22.25
CA ASN A 37 -0.30 -17.62 -21.13
C ASN A 37 -1.07 -16.60 -20.28
N LEU A 38 -2.07 -17.10 -19.55
CA LEU A 38 -2.79 -16.31 -18.56
C LEU A 38 -2.59 -16.96 -17.20
N HIS A 39 -2.24 -16.13 -16.21
CA HIS A 39 -1.88 -16.63 -14.89
C HIS A 39 -2.55 -15.79 -13.82
N TRP A 40 -2.65 -16.36 -12.61
CA TRP A 40 -3.25 -15.71 -11.46
C TRP A 40 -2.25 -15.66 -10.32
N TYR A 41 -2.11 -14.49 -9.70
CA TYR A 41 -1.21 -14.30 -8.58
C TYR A 41 -1.98 -13.84 -7.35
N LEU A 42 -1.43 -14.15 -6.18
CA LEU A 42 -1.98 -13.71 -4.90
C LEU A 42 -0.92 -12.95 -4.13
N GLN A 43 -1.26 -11.76 -3.66
CA GLN A 43 -0.37 -10.94 -2.85
C GLN A 43 -1.06 -10.63 -1.53
N LYS A 44 -0.57 -11.24 -0.46
CA LYS A 44 -1.07 -10.91 0.87
C LYS A 44 -0.35 -9.66 1.39
N SER A 45 -0.93 -9.05 2.42
CA SER A 45 -0.44 -7.77 2.92
C SER A 45 1.00 -7.91 3.41
N GLY A 46 1.85 -6.98 2.97
CA GLY A 46 3.24 -6.98 3.39
C GLY A 46 4.08 -8.10 2.82
N GLN A 47 3.59 -8.79 1.79
CA GLN A 47 4.30 -9.90 1.18
C GLN A 47 4.49 -9.64 -0.31
N SER A 48 5.19 -10.56 -0.95
CA SER A 48 5.39 -10.55 -2.39
C SER A 48 4.26 -11.31 -3.08
N PRO A 49 3.98 -11.01 -4.34
CA PRO A 49 3.01 -11.82 -5.08
C PRO A 49 3.47 -13.26 -5.19
N LYS A 50 2.51 -14.17 -5.25
CA LYS A 50 2.79 -15.60 -5.32
C LYS A 50 1.93 -16.24 -6.39
N LEU A 51 2.53 -17.16 -7.15
CA LEU A 51 1.86 -17.78 -8.28
C LEU A 51 0.90 -18.84 -7.80
N LEU A 52 -0.40 -18.65 -8.08
CA LEU A 52 -1.41 -19.65 -7.75
C LEU A 52 -1.71 -20.55 -8.95
N ILE A 53 -2.04 -19.95 -10.09
CA ILE A 53 -2.47 -20.69 -11.27
C ILE A 53 -1.77 -20.10 -12.49
N TYR A 54 -1.25 -20.97 -13.35
CA TYR A 54 -0.60 -20.57 -14.59
C TYR A 54 -1.25 -21.30 -15.75
N LYS A 55 -1.23 -20.64 -16.92
CA LYS A 55 -1.82 -21.17 -18.14
C LYS A 55 -3.26 -21.62 -17.90
N VAL A 56 -4.07 -20.67 -17.44
CA VAL A 56 -5.52 -20.79 -17.30
C VAL A 56 -5.93 -21.71 -16.16
N SER A 57 -5.42 -22.96 -16.16
CA SER A 57 -6.03 -23.96 -15.28
C SER A 57 -5.01 -24.86 -14.56
N ASN A 58 -3.74 -24.49 -14.51
CA ASN A 58 -2.71 -25.32 -13.89
C ASN A 58 -2.36 -24.77 -12.52
N ARG A 59 -2.55 -25.59 -11.49
CA ARG A 59 -2.22 -25.20 -10.12
C ARG A 59 -0.71 -25.30 -9.90
N PHE A 60 -0.14 -24.22 -9.38
CA PHE A 60 1.27 -24.24 -9.01
C PHE A 60 1.50 -25.18 -7.83
N SER A 61 2.76 -25.60 -7.67
CA SER A 61 3.10 -26.54 -6.61
C SER A 61 2.77 -25.94 -5.24
N GLY A 62 2.06 -26.71 -4.42
CA GLY A 62 1.65 -26.27 -3.11
C GLY A 62 0.28 -25.61 -3.05
N VAL A 63 -0.28 -25.23 -4.20
CA VAL A 63 -1.59 -24.58 -4.22
C VAL A 63 -2.68 -25.62 -3.96
N PRO A 64 -3.57 -25.41 -2.99
CA PRO A 64 -4.61 -26.40 -2.72
C PRO A 64 -5.58 -26.52 -3.89
N ASP A 65 -6.15 -27.72 -4.04
CA ASP A 65 -7.18 -27.93 -5.05
C ASP A 65 -8.41 -27.06 -4.82
N ARG A 66 -8.44 -26.36 -3.69
CA ARG A 66 -9.45 -25.34 -3.44
C ARG A 66 -9.51 -24.30 -4.56
N PHE A 67 -8.38 -24.04 -5.21
CA PHE A 67 -8.30 -23.05 -6.28
C PHE A 67 -8.39 -23.74 -7.64
N SER A 68 -9.08 -23.08 -8.58
CA SER A 68 -9.23 -23.60 -9.93
C SER A 68 -9.47 -22.43 -10.88
N GLY A 69 -8.97 -22.57 -12.11
CA GLY A 69 -9.14 -21.55 -13.12
C GLY A 69 -9.66 -22.14 -14.41
N SER A 70 -10.31 -21.28 -15.20
CA SER A 70 -10.90 -21.70 -16.47
C SER A 70 -10.95 -20.49 -17.40
N GLY A 71 -11.38 -20.74 -18.62
CA GLY A 71 -11.54 -19.70 -19.62
C GLY A 71 -10.72 -19.96 -20.87
N SER A 72 -10.93 -19.10 -21.85
CA SER A 72 -10.22 -19.16 -23.12
C SER A 72 -10.43 -17.85 -23.87
N GLY A 73 -9.54 -17.58 -24.82
CA GLY A 73 -9.64 -16.39 -25.64
C GLY A 73 -9.45 -15.09 -24.88
N THR A 74 -10.57 -14.49 -24.45
CA THR A 74 -10.53 -13.20 -23.77
C THR A 74 -11.30 -13.17 -22.46
N ASP A 75 -11.88 -14.29 -22.03
CA ASP A 75 -12.61 -14.35 -20.77
C ASP A 75 -12.06 -15.48 -19.92
N PHE A 76 -11.69 -15.16 -18.69
CA PHE A 76 -11.09 -16.11 -17.77
C PHE A 76 -11.66 -15.90 -16.37
N THR A 77 -11.64 -16.96 -15.57
CA THR A 77 -12.25 -16.91 -14.25
C THR A 77 -11.43 -17.73 -13.26
N LEU A 78 -11.19 -17.17 -12.09
CA LEU A 78 -10.56 -17.85 -10.97
C LEU A 78 -11.62 -18.17 -9.93
N LYS A 79 -11.69 -19.42 -9.49
CA LYS A 79 -12.72 -19.87 -8.57
C LYS A 79 -12.09 -20.48 -7.32
N ILE A 80 -12.71 -20.20 -6.17
CA ILE A 80 -12.34 -20.76 -4.88
C ILE A 80 -13.54 -21.52 -4.34
N SER A 81 -13.34 -22.79 -3.99
CA SER A 81 -14.44 -23.61 -3.51
C SER A 81 -14.98 -23.09 -2.19
N ARG A 82 -14.15 -23.08 -1.15
CA ARG A 82 -14.52 -22.59 0.18
C ARG A 82 -13.42 -21.67 0.67
N VAL A 83 -13.66 -20.36 0.60
CA VAL A 83 -12.64 -19.38 0.98
C VAL A 83 -12.20 -19.61 2.42
N GLU A 84 -10.88 -19.67 2.62
CA GLU A 84 -10.29 -19.78 3.94
C GLU A 84 -9.67 -18.43 4.33
N ALA A 85 -9.33 -18.32 5.62
CA ALA A 85 -8.75 -17.08 6.11
C ALA A 85 -7.43 -16.76 5.44
N GLU A 86 -6.63 -17.79 5.13
CA GLU A 86 -5.35 -17.58 4.47
C GLU A 86 -5.50 -17.17 3.01
N ASP A 87 -6.69 -17.27 2.44
CA ASP A 87 -6.91 -16.90 1.05
C ASP A 87 -7.14 -15.40 0.87
N LEU A 88 -7.31 -14.64 1.95
CA LEU A 88 -7.60 -13.23 1.83
C LEU A 88 -6.37 -12.46 1.36
N GLY A 89 -6.60 -11.54 0.42
CA GLY A 89 -5.51 -10.79 -0.18
C GLY A 89 -5.98 -10.17 -1.49
N VAL A 90 -5.01 -9.80 -2.32
CA VAL A 90 -5.25 -9.22 -3.63
C VAL A 90 -4.88 -10.24 -4.69
N TYR A 91 -5.77 -10.46 -5.64
CA TYR A 91 -5.58 -11.42 -6.71
C TYR A 91 -5.37 -10.69 -8.03
N PHE A 92 -4.24 -10.94 -8.67
CA PHE A 92 -3.90 -10.34 -9.96
C PHE A 92 -3.94 -11.41 -11.05
N CYS A 93 -4.57 -11.07 -12.17
CA CYS A 93 -4.40 -11.85 -13.38
C CYS A 93 -3.34 -11.18 -14.26
N SER A 94 -2.55 -12.00 -14.94
CA SER A 94 -1.45 -11.51 -15.75
C SER A 94 -1.30 -12.39 -16.99
N GLN A 95 -0.89 -11.76 -18.09
CA GLN A 95 -0.65 -12.46 -19.34
C GLN A 95 0.82 -12.37 -19.69
N SER A 96 1.35 -13.44 -20.27
CA SER A 96 2.72 -13.47 -20.76
C SER A 96 2.77 -13.93 -22.21
N THR A 97 1.73 -13.61 -22.98
CA THR A 97 1.67 -13.94 -24.38
C THR A 97 2.31 -12.87 -25.26
N TYR A 98 2.04 -11.61 -24.98
CA TYR A 98 2.56 -10.49 -25.75
C TYR A 98 3.45 -9.61 -24.90
N VAL A 99 4.28 -8.84 -25.57
CA VAL A 99 5.18 -7.87 -24.92
C VAL A 99 4.51 -6.50 -24.98
N PRO A 100 4.46 -5.74 -23.88
CA PRO A 100 4.97 -6.09 -22.54
C PRO A 100 4.00 -6.95 -21.76
N LEU A 101 4.47 -7.71 -20.78
CA LEU A 101 3.58 -8.42 -19.90
C LEU A 101 2.74 -7.44 -19.09
N THR A 102 1.45 -7.70 -18.98
CA THR A 102 0.54 -6.82 -18.29
C THR A 102 -0.15 -7.55 -17.14
N PHE A 103 -0.65 -6.76 -16.19
CA PHE A 103 -1.35 -7.29 -15.03
C PHE A 103 -2.73 -6.65 -14.95
N GLY A 104 -3.63 -7.33 -14.26
CA GLY A 104 -4.90 -6.74 -13.90
C GLY A 104 -4.73 -5.71 -12.80
N VAL A 105 -5.79 -4.93 -12.58
CA VAL A 105 -5.75 -3.91 -11.53
C VAL A 105 -5.71 -4.57 -10.15
N GLY A 106 -6.24 -5.77 -10.03
CA GLY A 106 -6.24 -6.47 -8.76
C GLY A 106 -7.64 -6.56 -8.17
N THR A 107 -7.89 -7.63 -7.44
CA THR A 107 -9.17 -7.88 -6.79
C THR A 107 -8.90 -8.22 -5.33
N LYS A 108 -9.37 -7.37 -4.42
CA LYS A 108 -9.14 -7.57 -3.00
C LYS A 108 -10.20 -8.51 -2.43
N LEU A 109 -9.77 -9.68 -1.98
CA LEU A 109 -10.66 -10.64 -1.31
C LEU A 109 -10.66 -10.32 0.18
N GLU A 110 -11.75 -9.74 0.67
CA GLU A 110 -11.85 -9.29 2.04
C GLU A 110 -12.89 -10.09 2.80
N LEU A 111 -12.85 -9.98 4.13
CA LEU A 111 -13.79 -10.67 5.00
C LEU A 111 -15.03 -9.82 5.20
N LYS A 112 -16.18 -10.49 5.29
CA LYS A 112 -17.48 -9.84 5.43
C LYS A 112 -17.91 -9.81 6.89
N ARG A 113 -18.49 -8.69 7.31
CA ARG A 113 -19.00 -8.54 8.66
C ARG A 113 -20.22 -7.62 8.63
N ALA A 114 -20.86 -7.48 9.79
CA ALA A 114 -22.00 -6.57 9.90
C ALA A 114 -21.53 -5.13 9.72
N ASP A 115 -22.44 -4.29 9.22
CA ASP A 115 -22.12 -2.88 9.00
C ASP A 115 -21.72 -2.22 10.32
N ALA A 116 -20.80 -1.26 10.22
CA ALA A 116 -20.29 -0.55 11.38
C ALA A 116 -20.13 0.92 11.03
N ALA A 117 -20.76 1.79 11.81
CA ALA A 117 -20.64 3.22 11.55
C ALA A 117 -19.27 3.72 12.02
N PRO A 118 -18.66 4.64 11.29
CA PRO A 118 -17.33 5.13 11.69
C PRO A 118 -17.41 6.05 12.91
N THR A 119 -16.44 5.88 13.81
CA THR A 119 -16.27 6.81 14.92
C THR A 119 -15.42 7.98 14.43
N VAL A 120 -16.04 9.14 14.28
CA VAL A 120 -15.39 10.32 13.70
C VAL A 120 -14.91 11.21 14.84
N SER A 121 -13.64 11.63 14.76
CA SER A 121 -13.04 12.50 15.76
C SER A 121 -12.18 13.54 15.04
N ILE A 122 -12.41 14.81 15.37
CA ILE A 122 -11.67 15.92 14.78
C ILE A 122 -10.85 16.59 15.87
N PHE A 123 -9.67 17.08 15.50
CA PHE A 123 -8.73 17.65 16.46
C PHE A 123 -8.17 18.96 15.90
N PRO A 124 -8.16 20.03 16.70
CA PRO A 124 -7.58 21.29 16.24
C PRO A 124 -6.07 21.22 16.23
N PRO A 125 -5.39 22.21 15.63
CA PRO A 125 -3.93 22.25 15.71
C PRO A 125 -3.45 22.39 17.15
N SER A 126 -2.30 21.79 17.42
CA SER A 126 -1.73 21.82 18.76
C SER A 126 -1.00 23.14 19.00
N SER A 127 -0.81 23.47 20.27
CA SER A 127 0.00 24.65 20.62
C SER A 127 1.43 24.48 20.12
N GLU A 128 1.97 23.27 20.23
CA GLU A 128 3.34 23.02 19.78
C GLU A 128 3.49 23.28 18.28
N GLN A 129 2.47 22.91 17.49
CA GLN A 129 2.54 23.13 16.06
C GLN A 129 2.29 24.58 15.70
N LEU A 130 1.37 25.25 16.40
CA LEU A 130 1.07 26.64 16.09
C LEU A 130 2.28 27.54 16.30
N THR A 131 3.06 27.27 17.35
CA THR A 131 4.24 28.09 17.62
C THR A 131 5.24 27.98 16.49
N SER A 132 5.42 26.78 15.93
CA SER A 132 6.38 26.59 14.85
C SER A 132 5.91 27.17 13.52
N GLY A 133 4.67 27.66 13.45
CA GLY A 133 4.15 28.28 12.25
C GLY A 133 3.23 27.41 11.41
N GLY A 134 2.94 26.18 11.86
CA GLY A 134 2.08 25.28 11.13
C GLY A 134 0.72 25.14 11.80
N ALA A 135 -0.20 24.50 11.06
CA ALA A 135 -1.55 24.29 11.57
C ALA A 135 -2.15 23.10 10.82
N SER A 136 -2.21 21.95 11.49
CA SER A 136 -2.82 20.75 10.93
C SER A 136 -4.10 20.43 11.69
N VAL A 137 -5.14 20.10 10.96
CA VAL A 137 -6.43 19.66 11.51
C VAL A 137 -6.59 18.19 11.16
N VAL A 138 -6.65 17.33 12.17
CA VAL A 138 -6.66 15.89 12.00
C VAL A 138 -8.06 15.36 12.24
N CYS A 139 -8.48 14.43 11.39
CA CYS A 139 -9.80 13.79 11.49
C CYS A 139 -9.62 12.29 11.34
N PHE A 140 -10.08 11.54 12.34
CA PHE A 140 -9.99 10.09 12.34
C PHE A 140 -11.38 9.50 12.06
N LEU A 141 -11.45 8.55 11.14
CA LEU A 141 -12.65 7.77 10.88
C LEU A 141 -12.29 6.32 11.16
N ASN A 142 -12.66 5.82 12.34
CA ASN A 142 -12.15 4.56 12.84
C ASN A 142 -13.24 3.50 12.93
N ASN A 143 -12.86 2.27 12.57
CA ASN A 143 -13.66 1.07 12.79
C ASN A 143 -15.03 1.18 12.10
N PHE A 144 -14.97 1.16 10.77
CA PHE A 144 -16.18 1.18 9.95
C PHE A 144 -16.17 0.01 8.97
N TYR A 145 -17.38 -0.34 8.51
CA TYR A 145 -17.57 -1.35 7.47
C TYR A 145 -18.87 -1.01 6.76
N PRO A 146 -18.93 -1.08 5.43
CA PRO A 146 -17.89 -1.51 4.47
C PRO A 146 -16.72 -0.53 4.36
N LYS A 147 -15.71 -0.85 3.55
CA LYS A 147 -14.50 -0.05 3.47
C LYS A 147 -14.70 1.26 2.71
N ASP A 148 -15.69 1.34 1.83
CA ASP A 148 -15.87 2.54 1.01
C ASP A 148 -16.31 3.71 1.87
N ILE A 149 -15.62 4.85 1.72
CA ILE A 149 -15.89 6.02 2.52
C ILE A 149 -15.34 7.24 1.79
N ASN A 150 -15.97 8.39 2.00
CA ASN A 150 -15.55 9.64 1.40
C ASN A 150 -15.41 10.71 2.48
N VAL A 151 -14.34 11.49 2.40
CA VAL A 151 -14.06 12.55 3.36
C VAL A 151 -13.96 13.87 2.61
N LYS A 152 -14.65 14.89 3.11
CA LYS A 152 -14.58 16.24 2.57
C LYS A 152 -14.32 17.20 3.72
N TRP A 153 -13.31 18.05 3.55
CA TRP A 153 -13.03 19.12 4.50
C TRP A 153 -13.78 20.38 4.09
N LYS A 154 -14.29 21.10 5.09
CA LYS A 154 -15.00 22.35 4.86
C LYS A 154 -14.48 23.40 5.83
N ILE A 155 -14.10 24.55 5.29
CA ILE A 155 -13.61 25.69 6.07
C ILE A 155 -14.64 26.80 5.89
N ASP A 156 -15.39 27.08 6.96
CA ASP A 156 -16.44 28.10 6.95
C ASP A 156 -17.48 27.81 5.86
N GLY A 157 -17.80 26.53 5.68
CA GLY A 157 -18.81 26.11 4.75
C GLY A 157 -18.31 25.76 3.35
N SER A 158 -17.15 26.27 2.96
CA SER A 158 -16.62 26.04 1.62
C SER A 158 -15.70 24.82 1.62
N GLU A 159 -15.81 24.01 0.57
CA GLU A 159 -14.99 22.81 0.44
C GLU A 159 -13.53 23.18 0.24
N ARG A 160 -12.65 22.36 0.82
CA ARG A 160 -11.21 22.55 0.73
C ARG A 160 -10.56 21.22 0.35
N GLN A 161 -9.75 21.24 -0.71
CA GLN A 161 -9.08 20.05 -1.20
C GLN A 161 -7.56 20.11 -1.10
N ASN A 162 -6.96 21.29 -1.25
CA ASN A 162 -5.51 21.42 -1.20
C ASN A 162 -5.02 21.34 0.23
N GLY A 163 -3.89 20.66 0.41
CA GLY A 163 -3.32 20.47 1.73
C GLY A 163 -3.87 19.28 2.50
N VAL A 164 -4.62 18.40 1.84
CA VAL A 164 -5.23 17.25 2.49
C VAL A 164 -4.37 16.01 2.20
N LEU A 165 -4.06 15.25 3.24
CA LEU A 165 -3.38 13.97 3.11
C LEU A 165 -4.22 12.90 3.81
N ASN A 166 -4.52 11.83 3.09
CA ASN A 166 -5.35 10.75 3.59
C ASN A 166 -4.54 9.47 3.72
N SER A 167 -4.92 8.65 4.71
CA SER A 167 -4.28 7.37 4.93
C SER A 167 -5.33 6.35 5.35
N TRP A 168 -5.21 5.13 4.84
CA TRP A 168 -6.15 4.06 5.12
C TRP A 168 -5.42 2.86 5.69
N THR A 169 -6.09 2.16 6.60
CA THR A 169 -5.60 0.89 7.11
C THR A 169 -6.21 -0.26 6.33
N ASP A 170 -5.57 -1.42 6.42
CA ASP A 170 -6.14 -2.63 5.86
C ASP A 170 -7.20 -3.17 6.82
N GLN A 171 -7.85 -4.26 6.43
CA GLN A 171 -8.89 -4.83 7.27
C GLN A 171 -8.30 -5.35 8.58
N ASP A 172 -8.87 -4.91 9.69
CA ASP A 172 -8.33 -5.27 10.99
C ASP A 172 -8.51 -6.76 11.26
N SER A 173 -7.50 -7.35 11.89
CA SER A 173 -7.47 -8.80 12.10
C SER A 173 -8.40 -9.26 13.23
N LYS A 174 -8.90 -8.35 14.06
CA LYS A 174 -9.71 -8.71 15.21
C LYS A 174 -11.19 -8.39 15.05
N ASP A 175 -11.54 -7.30 14.37
CA ASP A 175 -12.94 -6.95 14.15
C ASP A 175 -13.33 -6.78 12.70
N SER A 176 -12.38 -6.95 11.77
CA SER A 176 -12.66 -6.90 10.34
C SER A 176 -13.22 -5.54 9.90
N THR A 177 -12.83 -4.48 10.59
CA THR A 177 -13.22 -3.12 10.21
C THR A 177 -12.07 -2.41 9.52
N TYR A 178 -12.37 -1.25 8.97
CA TYR A 178 -11.39 -0.38 8.33
C TYR A 178 -11.34 0.95 9.06
N SER A 179 -10.22 1.65 8.93
CA SER A 179 -10.04 2.96 9.54
C SER A 179 -9.39 3.90 8.55
N MET A 180 -9.52 5.20 8.82
CA MET A 180 -9.01 6.22 7.92
C MET A 180 -8.61 7.45 8.70
N SER A 181 -7.52 8.08 8.26
CA SER A 181 -7.04 9.33 8.85
C SER A 181 -6.87 10.37 7.75
N SER A 182 -7.30 11.60 8.04
CA SER A 182 -7.21 12.72 7.11
C SER A 182 -6.66 13.92 7.85
N THR A 183 -5.66 14.58 7.26
CA THR A 183 -5.00 15.72 7.89
C THR A 183 -4.96 16.88 6.90
N LEU A 184 -5.70 17.93 7.22
CA LEU A 184 -5.66 19.18 6.46
C LEU A 184 -4.61 20.10 7.08
N THR A 185 -3.60 20.47 6.29
CA THR A 185 -2.50 21.29 6.77
C THR A 185 -2.57 22.67 6.11
N LEU A 186 -2.51 23.71 6.92
CA LEU A 186 -2.52 25.09 6.47
C LEU A 186 -1.32 25.82 7.07
N THR A 187 -1.14 27.07 6.66
CA THR A 187 -0.23 27.94 7.39
C THR A 187 -0.92 28.47 8.65
N LYS A 188 -0.11 28.98 9.58
CA LYS A 188 -0.67 29.55 10.79
C LYS A 188 -1.55 30.75 10.47
N ASP A 189 -1.11 31.60 9.53
CA ASP A 189 -1.91 32.75 9.14
C ASP A 189 -3.24 32.32 8.52
N GLU A 190 -3.19 31.37 7.59
CA GLU A 190 -4.42 30.92 6.93
C GLU A 190 -5.38 30.26 7.91
N TYR A 191 -4.84 29.58 8.93
CA TYR A 191 -5.70 28.99 9.96
C TYR A 191 -6.34 30.07 10.82
N GLU A 192 -5.62 31.17 11.07
CA GLU A 192 -6.15 32.26 11.87
C GLU A 192 -7.07 33.19 11.09
N ARG A 193 -7.23 32.95 9.78
CA ARG A 193 -8.18 33.71 8.97
C ARG A 193 -9.58 33.14 8.99
N HIS A 194 -9.75 31.92 9.53
CA HIS A 194 -11.03 31.22 9.50
C HIS A 194 -11.34 30.67 10.88
N ASN A 195 -12.58 30.24 11.06
CA ASN A 195 -13.05 29.85 12.39
C ASN A 195 -13.65 28.45 12.45
N SER A 196 -14.49 28.09 11.48
CA SER A 196 -15.19 26.81 11.50
C SER A 196 -14.47 25.82 10.58
N TYR A 197 -14.06 24.69 11.16
CA TYR A 197 -13.37 23.63 10.42
C TYR A 197 -14.16 22.34 10.59
N THR A 198 -14.51 21.70 9.47
CA THR A 198 -15.46 20.60 9.46
C THR A 198 -14.89 19.40 8.70
N CYS A 199 -15.14 18.21 9.24
CA CYS A 199 -14.78 16.95 8.61
C CYS A 199 -16.06 16.17 8.32
N GLU A 200 -16.34 15.93 7.04
CA GLU A 200 -17.57 15.28 6.60
C GLU A 200 -17.24 13.89 6.05
N ALA A 201 -17.94 12.88 6.56
CA ALA A 201 -17.72 11.50 6.17
C ALA A 201 -18.99 10.95 5.54
N THR A 202 -18.87 10.42 4.33
CA THR A 202 -19.98 9.80 3.62
C THR A 202 -19.80 8.29 3.67
N HIS A 203 -20.75 7.59 4.28
CA HIS A 203 -20.63 6.16 4.49
C HIS A 203 -22.01 5.51 4.39
N LYS A 204 -22.00 4.20 4.14
CA LYS A 204 -23.25 3.48 3.92
C LYS A 204 -24.14 3.46 5.16
N THR A 205 -23.54 3.55 6.35
CA THR A 205 -24.30 3.43 7.59
C THR A 205 -25.12 4.69 7.92
N SER A 206 -25.02 5.74 7.13
CA SER A 206 -25.77 6.97 7.39
C SER A 206 -26.28 7.53 6.08
N THR A 207 -27.56 7.95 6.08
CA THR A 207 -28.15 8.51 4.87
C THR A 207 -27.54 9.87 4.52
N SER A 208 -27.15 10.63 5.52
CA SER A 208 -26.51 11.92 5.36
C SER A 208 -25.10 11.86 5.93
N PRO A 209 -24.20 12.75 5.51
CA PRO A 209 -22.81 12.67 5.98
C PRO A 209 -22.71 12.83 7.50
N ILE A 210 -21.70 12.18 8.06
CA ILE A 210 -21.36 12.34 9.47
C ILE A 210 -20.43 13.54 9.59
N VAL A 211 -20.80 14.48 10.46
CA VAL A 211 -20.13 15.77 10.54
C VAL A 211 -19.58 15.97 11.94
N LYS A 212 -18.25 16.05 12.04
CA LYS A 212 -17.58 16.51 13.24
C LYS A 212 -16.84 17.81 12.90
N SER A 213 -16.92 18.77 13.80
CA SER A 213 -16.36 20.09 13.53
C SER A 213 -16.05 20.79 14.85
N PHE A 214 -15.38 21.93 14.74
CA PHE A 214 -15.07 22.78 15.88
C PHE A 214 -14.88 24.20 15.38
N ASN A 215 -15.22 25.16 16.23
CA ASN A 215 -14.94 26.56 15.97
C ASN A 215 -13.67 26.96 16.71
N ARG A 216 -12.75 27.60 15.99
CA ARG A 216 -11.47 28.00 16.59
C ARG A 216 -11.68 28.84 17.84
N ASN A 217 -12.71 29.69 17.83
CA ASN A 217 -13.08 30.48 19.00
C ASN A 217 -14.45 31.11 18.80
N GLU B 1 15.65 -25.16 -1.98
CA GLU B 1 14.55 -24.22 -2.12
C GLU B 1 14.97 -23.01 -2.95
N VAL B 2 14.07 -22.53 -3.81
CA VAL B 2 14.35 -21.35 -4.60
C VAL B 2 14.30 -20.12 -3.71
N GLN B 3 15.34 -19.29 -3.78
CA GLN B 3 15.42 -18.05 -3.01
C GLN B 3 15.83 -16.91 -3.94
N LEU B 4 15.10 -15.80 -3.83
CA LEU B 4 15.42 -14.57 -4.57
C LEU B 4 15.52 -13.46 -3.54
N GLN B 5 16.74 -13.07 -3.19
CA GLN B 5 16.99 -12.03 -2.20
C GLN B 5 17.40 -10.76 -2.91
N GLN B 6 16.66 -9.69 -2.68
CA GLN B 6 16.90 -8.40 -3.31
C GLN B 6 17.62 -7.46 -2.35
N SER B 7 18.21 -6.41 -2.92
CA SER B 7 18.92 -5.41 -2.14
C SER B 7 17.94 -4.61 -1.28
N GLY B 8 18.49 -3.94 -0.27
CA GLY B 8 17.68 -3.23 0.69
C GLY B 8 17.07 -1.96 0.12
N PRO B 9 16.29 -1.27 0.95
CA PRO B 9 15.62 -0.05 0.50
C PRO B 9 16.63 1.01 0.09
N GLU B 10 16.18 1.90 -0.79
CA GLU B 10 17.04 2.94 -1.36
C GLU B 10 16.40 4.30 -1.13
N LEU B 11 17.25 5.30 -0.87
CA LEU B 11 16.83 6.69 -0.70
C LEU B 11 17.64 7.52 -1.69
N VAL B 12 16.96 8.07 -2.70
CA VAL B 12 17.63 8.71 -3.83
C VAL B 12 17.08 10.12 -4.00
N LYS B 13 17.98 11.05 -4.39
CA LYS B 13 17.59 12.42 -4.64
C LYS B 13 16.99 12.55 -6.05
N PRO B 14 16.02 13.45 -6.24
CA PRO B 14 15.43 13.63 -7.57
C PRO B 14 16.50 13.93 -8.63
N GLY B 15 16.40 13.22 -9.75
CA GLY B 15 17.35 13.37 -10.84
C GLY B 15 18.54 12.44 -10.77
N ALA B 16 18.77 11.80 -9.62
CA ALA B 16 19.88 10.88 -9.46
C ALA B 16 19.49 9.49 -9.95
N SER B 17 20.42 8.54 -9.86
CA SER B 17 20.19 7.17 -10.29
C SER B 17 20.51 6.20 -9.16
N VAL B 18 20.06 4.96 -9.33
CA VAL B 18 20.28 3.91 -8.34
C VAL B 18 20.30 2.57 -9.05
N LYS B 19 21.08 1.64 -8.52
CA LYS B 19 21.25 0.31 -9.10
C LYS B 19 20.95 -0.72 -8.02
N ILE B 20 19.91 -1.51 -8.23
CA ILE B 20 19.47 -2.52 -7.27
C ILE B 20 19.77 -3.90 -7.82
N PHE B 21 20.09 -4.84 -6.94
CA PHE B 21 20.47 -6.18 -7.36
C PHE B 21 19.47 -7.21 -6.84
N CYS B 22 19.71 -8.47 -7.24
CA CYS B 22 18.82 -9.58 -6.88
C CYS B 22 19.63 -10.86 -7.04
N LYS B 23 20.08 -11.43 -5.92
CA LYS B 23 20.87 -12.66 -5.93
C LYS B 23 19.96 -13.87 -5.82
N ALA B 24 20.20 -14.87 -6.66
CA ALA B 24 19.37 -16.06 -6.73
C ALA B 24 20.11 -17.27 -6.17
N SER B 25 19.33 -18.25 -5.72
CA SER B 25 19.89 -19.49 -5.17
C SER B 25 18.82 -20.56 -5.22
N GLY B 26 19.25 -21.80 -4.99
CA GLY B 26 18.34 -22.93 -4.93
C GLY B 26 17.99 -23.56 -6.25
N TYR B 27 18.71 -23.24 -7.32
CA TYR B 27 18.46 -23.80 -8.64
C TYR B 27 19.61 -23.40 -9.55
N THR B 28 19.65 -24.01 -10.74
CA THR B 28 20.64 -23.66 -11.74
C THR B 28 20.30 -22.30 -12.32
N PHE B 29 21.11 -21.29 -11.99
CA PHE B 29 20.85 -19.91 -12.37
C PHE B 29 20.81 -19.72 -13.88
N THR B 30 21.46 -20.60 -14.64
CA THR B 30 21.60 -20.44 -16.08
C THR B 30 20.45 -21.03 -16.88
N ASP B 31 19.64 -21.92 -16.28
CA ASP B 31 18.51 -22.50 -16.98
C ASP B 31 17.24 -21.64 -16.90
N TYR B 32 17.33 -20.46 -16.30
CA TYR B 32 16.18 -19.59 -16.13
C TYR B 32 16.57 -18.16 -16.48
N ASN B 33 15.57 -17.35 -16.76
CA ASN B 33 15.76 -15.91 -16.94
C ASN B 33 15.30 -15.18 -15.68
N MET B 34 15.44 -13.85 -15.70
CA MET B 34 15.05 -13.03 -14.56
C MET B 34 14.30 -11.81 -15.07
N ASP B 35 13.14 -11.53 -14.46
CA ASP B 35 12.29 -10.41 -14.84
C ASP B 35 12.16 -9.44 -13.68
N TRP B 36 11.67 -8.24 -14.00
CA TRP B 36 11.49 -7.18 -13.02
C TRP B 36 10.10 -6.59 -13.16
N VAL B 37 9.47 -6.30 -12.01
CA VAL B 37 8.10 -5.79 -11.97
C VAL B 37 8.06 -4.61 -11.01
N LYS B 38 7.29 -3.58 -11.37
CA LYS B 38 7.12 -2.38 -10.56
C LYS B 38 5.74 -2.39 -9.91
N GLN B 39 5.68 -1.96 -8.65
CA GLN B 39 4.42 -1.84 -7.93
C GLN B 39 4.39 -0.48 -7.23
N SER B 40 3.46 0.38 -7.65
CA SER B 40 3.35 1.73 -7.14
C SER B 40 2.17 1.83 -6.19
N HIS B 41 1.78 3.07 -5.86
CA HIS B 41 0.60 3.29 -5.02
C HIS B 41 -0.64 2.77 -5.72
N GLY B 42 -1.55 2.19 -4.95
CA GLY B 42 -2.64 1.44 -5.51
C GLY B 42 -2.30 0.01 -5.87
N LYS B 43 -1.02 -0.36 -5.75
CA LYS B 43 -0.55 -1.74 -5.96
C LYS B 43 -0.80 -2.20 -7.40
N ARG B 44 -0.61 -1.29 -8.35
CA ARG B 44 -0.63 -1.64 -9.76
C ARG B 44 0.73 -2.18 -10.18
N LEU B 45 0.72 -3.32 -10.88
CA LEU B 45 1.93 -4.02 -11.26
C LEU B 45 2.29 -3.71 -12.71
N GLU B 46 3.55 -3.33 -12.94
CA GLU B 46 4.05 -3.00 -14.27
C GLU B 46 5.30 -3.82 -14.54
N TRP B 47 5.28 -4.58 -15.63
CA TRP B 47 6.44 -5.38 -16.04
C TRP B 47 7.47 -4.47 -16.70
N ILE B 48 8.72 -4.61 -16.27
CA ILE B 48 9.81 -3.74 -16.73
C ILE B 48 10.60 -4.39 -17.86
N GLY B 49 11.05 -5.62 -17.66
CA GLY B 49 11.83 -6.29 -18.69
C GLY B 49 12.23 -7.67 -18.24
N ASP B 50 12.85 -8.39 -19.19
CA ASP B 50 13.35 -9.73 -18.99
C ASP B 50 14.77 -9.81 -19.52
N ILE B 51 15.64 -10.52 -18.79
CA ILE B 51 17.05 -10.64 -19.18
C ILE B 51 17.47 -12.10 -19.10
N ASN B 52 18.34 -12.50 -20.05
CA ASN B 52 18.95 -13.83 -20.09
C ASN B 52 20.28 -13.81 -19.34
N PRO B 53 20.56 -14.80 -18.49
CA PRO B 53 21.80 -14.74 -17.70
C PRO B 53 23.05 -15.10 -18.49
N ASN B 54 22.89 -15.91 -19.54
CA ASN B 54 24.05 -16.37 -20.30
C ASN B 54 24.54 -15.32 -21.30
N THR B 55 23.64 -14.53 -21.87
CA THR B 55 23.99 -13.60 -22.93
C THR B 55 23.83 -12.13 -22.55
N GLY B 56 23.04 -11.83 -21.52
CA GLY B 56 22.73 -10.45 -21.20
C GLY B 56 21.70 -9.81 -22.11
N VAL B 57 21.16 -10.56 -23.07
CA VAL B 57 20.16 -10.02 -23.98
C VAL B 57 18.85 -9.81 -23.23
N THR B 58 18.21 -8.67 -23.47
CA THR B 58 17.03 -8.27 -22.72
C THR B 58 15.84 -8.01 -23.64
N ILE B 59 14.65 -8.33 -23.15
CA ILE B 59 13.39 -7.91 -23.75
C ILE B 59 12.77 -6.90 -22.80
N ASP B 60 12.62 -5.67 -23.28
CA ASP B 60 12.27 -4.55 -22.41
C ASP B 60 10.88 -4.00 -22.73
N ASN B 61 10.24 -3.47 -21.70
CA ASN B 61 9.02 -2.70 -21.88
C ASN B 61 9.39 -1.32 -22.43
N PRO B 62 8.93 -0.95 -23.62
CA PRO B 62 9.35 0.33 -24.21
C PRO B 62 9.00 1.54 -23.36
N LYS B 63 8.05 1.42 -22.44
CA LYS B 63 7.72 2.55 -21.57
C LYS B 63 8.79 2.81 -20.52
N PHE B 64 9.78 1.92 -20.37
CA PHE B 64 10.86 2.07 -19.41
C PHE B 64 12.22 2.25 -20.09
N LYS B 65 12.23 2.57 -21.38
CA LYS B 65 13.49 2.66 -22.10
C LYS B 65 14.39 3.75 -21.52
N GLY B 66 13.82 4.89 -21.19
CA GLY B 66 14.58 5.97 -20.59
C GLY B 66 14.71 5.90 -19.08
N LYS B 67 14.38 4.76 -18.48
CA LYS B 67 14.34 4.66 -17.02
C LYS B 67 15.14 3.47 -16.50
N ALA B 68 14.91 2.28 -17.04
CA ALA B 68 15.48 1.06 -16.50
C ALA B 68 16.53 0.47 -17.44
N THR B 69 17.51 -0.20 -16.84
CA THR B 69 18.57 -0.88 -17.59
C THR B 69 18.94 -2.15 -16.84
N LEU B 70 18.86 -3.29 -17.51
CA LEU B 70 19.05 -4.59 -16.90
C LEU B 70 20.41 -5.17 -17.27
N THR B 71 21.18 -5.58 -16.25
CA THR B 71 22.45 -6.27 -16.44
C THR B 71 22.49 -7.48 -15.52
N VAL B 72 23.48 -8.34 -15.75
CA VAL B 72 23.58 -9.58 -14.99
C VAL B 72 25.05 -9.98 -14.88
N ASP B 73 25.43 -10.48 -13.71
CA ASP B 73 26.75 -11.06 -13.45
C ASP B 73 26.50 -12.51 -13.01
N GLU B 74 26.46 -13.42 -13.97
CA GLU B 74 26.07 -14.80 -13.69
C GLU B 74 27.04 -15.52 -12.76
N SER B 75 28.28 -15.04 -12.66
CA SER B 75 29.23 -15.66 -11.74
C SER B 75 28.75 -15.54 -10.30
N SER B 76 28.14 -14.42 -9.95
CA SER B 76 27.58 -14.20 -8.63
C SER B 76 26.09 -14.50 -8.57
N SER B 77 25.50 -14.98 -9.66
CA SER B 77 24.06 -15.25 -9.74
C SER B 77 23.25 -14.04 -9.32
N THR B 78 23.65 -12.87 -9.82
CA THR B 78 23.08 -11.60 -9.43
C THR B 78 22.61 -10.85 -10.66
N VAL B 79 21.40 -10.30 -10.60
CA VAL B 79 20.81 -9.51 -11.68
C VAL B 79 20.58 -8.10 -11.15
N TYR B 80 20.97 -7.11 -11.94
CA TYR B 80 20.89 -5.71 -11.55
C TYR B 80 19.88 -4.97 -12.41
N MET B 81 19.32 -3.90 -11.85
CA MET B 81 18.48 -2.97 -12.61
C MET B 81 18.82 -1.55 -12.19
N GLU B 82 19.22 -0.73 -13.15
CA GLU B 82 19.52 0.67 -12.91
C GLU B 82 18.29 1.52 -13.23
N LEU B 83 17.98 2.45 -12.33
CA LEU B 83 16.91 3.42 -12.53
C LEU B 83 17.53 4.81 -12.46
N ARG B 84 17.43 5.56 -13.56
CA ARG B 84 18.13 6.82 -13.70
C ARG B 84 17.15 7.98 -13.86
N SER B 85 17.65 9.18 -13.59
CA SER B 85 16.85 10.42 -13.63
C SER B 85 15.54 10.24 -12.88
N LEU B 86 15.68 9.97 -11.58
CA LEU B 86 14.55 9.56 -10.76
C LEU B 86 13.68 10.76 -10.37
N SER B 87 12.37 10.56 -10.41
CA SER B 87 11.38 11.53 -9.99
C SER B 87 10.41 10.87 -9.02
N SER B 88 9.40 11.63 -8.58
CA SER B 88 8.43 11.08 -7.64
C SER B 88 7.64 9.93 -8.25
N GLU B 89 7.49 9.92 -9.58
CA GLU B 89 6.82 8.82 -10.25
C GLU B 89 7.57 7.50 -10.12
N ASP B 90 8.84 7.52 -9.72
CA ASP B 90 9.63 6.31 -9.58
C ASP B 90 9.62 5.75 -8.16
N THR B 91 9.03 6.48 -7.21
CA THR B 91 8.90 5.97 -5.85
C THR B 91 7.93 4.80 -5.85
N ALA B 92 8.45 3.60 -5.64
CA ALA B 92 7.65 2.38 -5.72
C ALA B 92 8.47 1.23 -5.14
N VAL B 93 7.85 0.05 -5.13
CA VAL B 93 8.53 -1.20 -4.79
C VAL B 93 8.81 -1.95 -6.08
N TYR B 94 10.04 -2.42 -6.24
CA TYR B 94 10.46 -3.13 -7.44
C TYR B 94 10.77 -4.58 -7.10
N TYR B 95 10.22 -5.50 -7.87
CA TYR B 95 10.27 -6.92 -7.56
C TYR B 95 11.16 -7.67 -8.54
N CYS B 96 11.80 -8.72 -8.02
CA CYS B 96 12.57 -9.67 -8.81
C CYS B 96 11.72 -10.91 -9.03
N ALA B 97 11.85 -11.53 -10.20
CA ALA B 97 10.99 -12.66 -10.54
C ALA B 97 11.70 -13.61 -11.51
N ARG B 98 11.65 -14.90 -11.20
CA ARG B 98 12.26 -15.92 -12.03
C ARG B 98 11.34 -16.29 -13.19
N LEU B 99 11.94 -16.54 -14.35
CA LEU B 99 11.19 -16.88 -15.57
C LEU B 99 11.78 -18.13 -16.21
N PRO B 100 11.17 -19.30 -16.01
CA PRO B 100 11.61 -20.48 -16.76
C PRO B 100 11.22 -20.44 -18.24
N ASP B 101 11.50 -21.52 -18.96
CA ASP B 101 11.19 -21.58 -20.39
C ASP B 101 9.69 -21.57 -20.66
N ASN B 102 8.85 -21.76 -19.65
CA ASN B 102 7.40 -21.68 -19.83
C ASN B 102 6.92 -20.25 -20.02
N TYR B 103 7.79 -19.26 -19.82
CA TYR B 103 7.45 -17.84 -19.88
C TYR B 103 6.45 -17.45 -18.80
N VAL B 104 6.57 -18.03 -17.62
CA VAL B 104 5.71 -17.74 -16.47
C VAL B 104 6.60 -17.31 -15.31
N MET B 105 6.37 -16.11 -14.79
CA MET B 105 7.08 -15.65 -13.59
C MET B 105 6.53 -16.40 -12.38
N ASP B 106 7.32 -17.32 -11.83
CA ASP B 106 6.85 -18.19 -10.75
C ASP B 106 7.26 -17.69 -9.37
N TYR B 107 8.56 -17.58 -9.12
CA TYR B 107 9.07 -17.16 -7.81
C TYR B 107 9.46 -15.69 -7.85
N TRP B 108 9.13 -14.97 -6.79
CA TRP B 108 9.36 -13.54 -6.69
C TRP B 108 10.27 -13.24 -5.50
N GLY B 109 11.07 -12.19 -5.65
CA GLY B 109 11.86 -11.68 -4.53
C GLY B 109 10.99 -10.95 -3.53
N GLN B 110 11.62 -10.57 -2.41
CA GLN B 110 10.86 -9.87 -1.37
C GLN B 110 10.59 -8.41 -1.72
N GLY B 111 11.21 -7.89 -2.77
CA GLY B 111 10.95 -6.53 -3.19
C GLY B 111 11.94 -5.54 -2.63
N THR B 112 12.26 -4.54 -3.44
CA THR B 112 13.14 -3.44 -3.05
C THR B 112 12.36 -2.13 -3.16
N SER B 113 12.28 -1.39 -2.06
CA SER B 113 11.58 -0.12 -2.06
C SER B 113 12.54 1.01 -2.43
N VAL B 114 12.12 1.84 -3.37
CA VAL B 114 12.89 3.01 -3.80
C VAL B 114 12.05 4.24 -3.50
N THR B 115 12.60 5.15 -2.69
CA THR B 115 11.93 6.37 -2.31
C THR B 115 12.71 7.57 -2.84
N VAL B 116 12.03 8.44 -3.58
CA VAL B 116 12.64 9.60 -4.21
C VAL B 116 12.30 10.83 -3.39
N SER B 117 13.32 11.51 -2.87
CA SER B 117 13.12 12.67 -2.01
C SER B 117 14.41 13.47 -1.95
N ALA B 118 14.29 14.78 -1.99
CA ALA B 118 15.44 15.67 -1.86
C ALA B 118 15.83 15.90 -0.41
N ALA B 119 15.16 15.27 0.54
CA ALA B 119 15.36 15.55 1.95
C ALA B 119 16.48 14.70 2.53
N LYS B 120 17.18 15.26 3.52
CA LYS B 120 18.13 14.51 4.31
C LYS B 120 17.44 13.93 5.54
N THR B 121 18.20 13.20 6.35
CA THR B 121 17.68 12.65 7.59
C THR B 121 17.12 13.76 8.46
N THR B 122 15.79 13.81 8.59
CA THR B 122 15.09 14.85 9.30
C THR B 122 14.31 14.27 10.46
N PRO B 123 14.50 14.75 11.68
CA PRO B 123 13.76 14.22 12.83
C PRO B 123 12.31 14.67 12.78
N PRO B 124 11.40 13.90 13.38
CA PRO B 124 9.98 14.25 13.31
C PRO B 124 9.54 15.25 14.37
N SER B 125 8.51 16.00 14.01
CA SER B 125 7.78 16.84 14.96
C SER B 125 6.56 16.09 15.44
N VAL B 126 6.37 16.03 16.74
CA VAL B 126 5.31 15.24 17.36
C VAL B 126 4.35 16.18 18.07
N TYR B 127 3.09 16.14 17.65
CA TYR B 127 2.05 17.04 18.14
C TYR B 127 0.93 16.24 18.79
N PRO B 128 0.55 16.56 20.02
CA PRO B 128 -0.57 15.85 20.64
C PRO B 128 -1.90 16.29 20.05
N LEU B 129 -2.83 15.34 20.00
CA LEU B 129 -4.19 15.59 19.49
C LEU B 129 -5.16 15.40 20.64
N ALA B 130 -5.64 16.51 21.20
CA ALA B 130 -6.58 16.50 22.30
C ALA B 130 -7.95 16.95 21.82
N PRO B 131 -9.03 16.37 22.36
CA PRO B 131 -10.38 16.78 21.93
C PRO B 131 -10.64 18.24 22.29
N GLY B 132 -11.37 18.93 21.40
CA GLY B 132 -11.71 20.32 21.65
C GLY B 132 -12.79 20.52 22.68
N SER B 133 -13.57 19.47 22.96
CA SER B 133 -14.66 19.56 23.91
C SER B 133 -14.51 18.48 24.98
N ALA B 134 -15.15 18.72 26.11
CA ALA B 134 -15.15 17.75 27.19
C ALA B 134 -15.93 16.50 26.80
N ALA B 135 -15.46 15.35 27.30
CA ALA B 135 -16.07 14.07 26.95
C ALA B 135 -17.33 13.82 27.77
N GLN B 136 -18.27 13.12 27.16
CA GLN B 136 -19.51 12.76 27.85
C GLN B 136 -19.23 11.69 28.91
N THR B 137 -20.22 11.45 29.74
CA THR B 137 -20.09 10.49 30.83
C THR B 137 -20.20 9.06 30.30
N ASN B 138 -19.34 8.18 30.82
CA ASN B 138 -19.35 6.75 30.50
C ASN B 138 -19.24 6.52 29.00
N SER B 139 -18.32 7.22 28.35
CA SER B 139 -18.15 7.15 26.91
C SER B 139 -16.70 6.82 26.58
N MET B 140 -16.44 6.61 25.30
CA MET B 140 -15.10 6.37 24.80
C MET B 140 -14.50 7.69 24.29
N VAL B 141 -13.29 7.99 24.73
CA VAL B 141 -12.54 9.16 24.28
C VAL B 141 -11.47 8.70 23.30
N THR B 142 -11.38 9.38 22.17
CA THR B 142 -10.35 9.12 21.17
C THR B 142 -9.29 10.20 21.26
N LEU B 143 -8.06 9.80 21.58
CA LEU B 143 -6.91 10.70 21.56
C LEU B 143 -6.04 10.36 20.35
N GLY B 144 -5.18 11.31 19.96
CA GLY B 144 -4.39 11.13 18.76
C GLY B 144 -2.99 11.67 18.89
N CYS B 145 -2.21 11.44 17.84
CA CYS B 145 -0.80 11.86 17.82
C CYS B 145 -0.38 12.04 16.37
N LEU B 146 0.13 13.22 16.03
CA LEU B 146 0.53 13.56 14.67
C LEU B 146 2.05 13.66 14.61
N VAL B 147 2.65 12.95 13.65
CA VAL B 147 4.09 12.88 13.48
C VAL B 147 4.40 13.40 12.08
N LYS B 148 4.96 14.60 12.00
CA LYS B 148 5.06 15.32 10.73
C LYS B 148 6.50 15.71 10.43
N GLY B 149 6.81 15.79 9.14
CA GLY B 149 8.04 16.38 8.65
C GLY B 149 9.30 15.61 8.96
N TYR B 150 9.30 14.30 8.75
CA TYR B 150 10.47 13.48 9.00
C TYR B 150 10.88 12.73 7.74
N PHE B 151 12.13 12.25 7.74
CA PHE B 151 12.66 11.43 6.66
C PHE B 151 13.88 10.69 7.17
N PRO B 152 14.03 9.40 6.87
CA PRO B 152 13.10 8.55 6.11
C PRO B 152 12.22 7.70 7.01
N GLU B 153 11.48 6.77 6.42
CA GLU B 153 10.80 5.75 7.19
C GLU B 153 11.83 4.77 7.76
N PRO B 154 11.49 4.09 8.87
CA PRO B 154 10.22 4.10 9.59
C PRO B 154 10.23 4.92 10.87
N VAL B 155 9.05 5.33 11.33
CA VAL B 155 8.84 5.78 12.69
C VAL B 155 7.94 4.78 13.37
N THR B 156 8.13 4.60 14.68
CA THR B 156 7.31 3.73 15.49
C THR B 156 6.50 4.56 16.48
N VAL B 157 5.23 4.20 16.65
CA VAL B 157 4.35 4.87 17.59
C VAL B 157 3.69 3.82 18.46
N THR B 158 3.84 3.96 19.77
CA THR B 158 3.10 3.17 20.73
C THR B 158 2.50 4.12 21.77
N TRP B 159 1.61 3.57 22.60
CA TRP B 159 0.90 4.36 23.60
C TRP B 159 1.13 3.75 24.97
N ASN B 160 1.48 4.60 25.93
CA ASN B 160 1.82 4.17 27.30
C ASN B 160 2.83 3.03 27.29
N SER B 161 3.80 3.14 26.38
CA SER B 161 4.90 2.16 26.27
C SER B 161 4.37 0.76 25.98
N GLY B 162 3.32 0.68 25.18
CA GLY B 162 2.74 -0.59 24.78
C GLY B 162 1.68 -1.14 25.70
N SER B 163 1.38 -0.44 26.80
CA SER B 163 0.33 -0.89 27.72
C SER B 163 -1.06 -0.62 27.18
N LEU B 164 -1.19 0.32 26.23
CA LEU B 164 -2.44 0.56 25.52
C LEU B 164 -2.27 0.00 24.11
N SER B 165 -3.00 -1.05 23.80
CA SER B 165 -2.92 -1.70 22.50
C SER B 165 -4.26 -1.80 21.81
N SER B 166 -5.32 -2.18 22.52
CA SER B 166 -6.65 -2.20 21.93
C SER B 166 -7.15 -0.78 21.71
N GLY B 167 -7.77 -0.56 20.55
CA GLY B 167 -8.22 0.78 20.20
C GLY B 167 -7.16 1.66 19.58
N VAL B 168 -6.01 1.10 19.19
CA VAL B 168 -4.92 1.87 18.60
C VAL B 168 -4.96 1.70 17.09
N HIS B 169 -4.93 2.82 16.37
CA HIS B 169 -4.82 2.83 14.91
C HIS B 169 -3.66 3.73 14.54
N THR B 170 -2.56 3.12 14.11
CA THR B 170 -1.42 3.86 13.55
C THR B 170 -1.47 3.70 12.03
N PHE B 171 -1.51 4.81 11.33
CA PHE B 171 -1.83 4.79 9.92
C PHE B 171 -0.56 4.83 9.06
N PRO B 172 -0.62 4.23 7.87
CA PRO B 172 0.56 4.26 6.98
C PRO B 172 1.01 5.68 6.70
N ALA B 173 2.33 5.87 6.72
CA ALA B 173 2.91 7.18 6.46
C ALA B 173 2.69 7.59 5.01
N VAL B 174 2.58 8.90 4.79
CA VAL B 174 2.36 9.47 3.48
C VAL B 174 3.49 10.45 3.18
N LEU B 175 4.09 10.29 2.00
CA LEU B 175 5.20 11.15 1.57
C LEU B 175 4.66 12.34 0.79
N GLN B 176 5.00 13.54 1.24
CA GLN B 176 4.58 14.77 0.58
C GLN B 176 5.66 15.81 0.77
N SER B 177 6.08 16.44 -0.33
CA SER B 177 7.10 17.48 -0.32
C SER B 177 8.38 16.98 0.36
N ASP B 178 8.82 15.80 -0.06
CA ASP B 178 10.06 15.14 0.37
C ASP B 178 10.04 14.71 1.82
N LEU B 179 8.95 14.91 2.55
CA LEU B 179 8.88 14.56 3.96
C LEU B 179 7.64 13.70 4.21
N TYR B 180 7.72 12.88 5.25
CA TYR B 180 6.65 11.98 5.62
C TYR B 180 5.72 12.61 6.65
N THR B 181 4.51 12.05 6.75
CA THR B 181 3.53 12.46 7.75
C THR B 181 2.75 11.22 8.19
N LEU B 182 2.64 11.02 9.50
CA LEU B 182 1.98 9.85 10.06
C LEU B 182 1.11 10.28 11.23
N SER B 183 0.02 9.55 11.42
CA SER B 183 -0.89 9.81 12.53
C SER B 183 -1.22 8.51 13.25
N SER B 184 -1.59 8.64 14.52
CA SER B 184 -1.95 7.49 15.34
C SER B 184 -3.04 7.89 16.31
N SER B 185 -4.04 7.03 16.46
CA SER B 185 -5.17 7.29 17.34
C SER B 185 -5.23 6.22 18.42
N VAL B 186 -5.88 6.57 19.53
CA VAL B 186 -6.11 5.63 20.63
C VAL B 186 -7.43 6.00 21.29
N THR B 187 -8.22 4.98 21.63
CA THR B 187 -9.55 5.16 22.20
C THR B 187 -9.59 4.54 23.59
N VAL B 188 -9.91 5.36 24.59
CA VAL B 188 -9.93 4.90 25.98
C VAL B 188 -11.23 5.36 26.60
N PRO B 189 -11.68 4.69 27.68
CA PRO B 189 -12.89 5.14 28.38
C PRO B 189 -12.68 6.51 29.01
N SER B 190 -13.76 7.28 29.09
CA SER B 190 -13.70 8.62 29.65
C SER B 190 -13.32 8.61 31.13
N SER B 191 -13.58 7.50 31.83
CA SER B 191 -13.14 7.37 33.21
C SER B 191 -11.63 7.16 33.34
N THR B 192 -10.95 6.93 32.22
CA THR B 192 -9.50 6.72 32.22
C THR B 192 -8.73 8.02 31.95
N TRP B 193 -9.27 8.87 31.08
CA TRP B 193 -8.60 10.09 30.66
C TRP B 193 -9.55 11.27 30.79
N PRO B 194 -9.08 12.42 31.26
CA PRO B 194 -7.70 12.74 31.67
C PRO B 194 -7.38 12.41 33.12
N SER B 195 -8.17 11.55 33.76
CA SER B 195 -7.88 11.17 35.15
C SER B 195 -6.53 10.50 35.26
N GLN B 196 -6.24 9.57 34.35
CA GLN B 196 -4.94 8.92 34.24
C GLN B 196 -4.22 9.45 33.01
N THR B 197 -2.92 9.15 32.92
CA THR B 197 -2.07 9.72 31.90
C THR B 197 -2.06 8.85 30.65
N VAL B 198 -2.08 9.51 29.49
CA VAL B 198 -1.99 8.85 28.19
C VAL B 198 -0.87 9.53 27.41
N THR B 199 0.13 8.76 27.01
CA THR B 199 1.35 9.30 26.42
C THR B 199 1.63 8.66 25.07
N CYS B 200 1.95 9.50 24.09
CA CYS B 200 2.37 9.04 22.77
C CYS B 200 3.87 8.84 22.76
N ASN B 201 4.32 7.66 22.32
CA ASN B 201 5.74 7.31 22.30
C ASN B 201 6.17 7.17 20.83
N VAL B 202 7.01 8.09 20.37
CA VAL B 202 7.46 8.14 18.99
C VAL B 202 8.97 7.87 18.95
N ALA B 203 9.40 7.07 17.99
CA ALA B 203 10.81 6.77 17.78
C ALA B 203 11.14 6.85 16.29
N HIS B 204 12.26 7.50 15.97
CA HIS B 204 12.75 7.61 14.59
C HIS B 204 14.20 7.17 14.60
N PRO B 205 14.46 5.88 14.32
CA PRO B 205 15.84 5.37 14.46
C PRO B 205 16.86 6.05 13.58
N ALA B 206 16.47 6.54 12.41
CA ALA B 206 17.44 7.13 11.48
C ALA B 206 18.08 8.38 12.05
N SER B 207 17.38 9.10 12.92
CA SER B 207 17.92 10.30 13.56
C SER B 207 18.13 10.12 15.06
N SER B 208 17.97 8.89 15.56
CA SER B 208 18.16 8.58 16.99
C SER B 208 17.29 9.47 17.87
N THR B 209 16.04 9.64 17.48
CA THR B 209 15.10 10.51 18.19
C THR B 209 14.02 9.67 18.86
N LYS B 210 13.80 9.93 20.14
CA LYS B 210 12.71 9.33 20.91
C LYS B 210 12.07 10.42 21.76
N VAL B 211 10.76 10.59 21.61
CA VAL B 211 10.03 11.62 22.35
C VAL B 211 8.79 11.00 22.97
N ASP B 212 8.40 11.52 24.13
CA ASP B 212 7.15 11.17 24.79
C ASP B 212 6.28 12.42 24.85
N LYS B 213 5.09 12.33 24.27
CA LYS B 213 4.15 13.44 24.23
C LYS B 213 2.92 13.09 25.04
N LYS B 214 2.80 13.68 26.23
CA LYS B 214 1.63 13.49 27.07
C LYS B 214 0.44 14.22 26.45
N ILE B 215 -0.69 13.52 26.36
CA ILE B 215 -1.93 14.11 25.84
C ILE B 215 -2.63 14.81 27.00
N VAL B 216 -2.57 16.14 27.01
CA VAL B 216 -3.22 16.92 28.06
C VAL B 216 -4.52 17.51 27.52
N PRO B 217 -5.57 17.61 28.33
CA PRO B 217 -6.82 18.19 27.84
C PRO B 217 -6.69 19.68 27.61
N ARG B 218 -7.50 20.19 26.67
CA ARG B 218 -7.53 21.61 26.39
C ARG B 218 -8.41 22.34 27.40
N ASP B 219 -8.14 23.63 27.57
CA ASP B 219 -8.92 24.45 28.48
C ASP B 219 -9.70 25.51 27.73
N LYS C 1 2.42 -4.45 -34.38
CA LYS C 1 2.07 -3.97 -33.05
C LYS C 1 2.15 -5.11 -32.03
N LEU C 2 1.52 -6.24 -32.37
CA LEU C 2 1.52 -7.41 -31.50
C LEU C 2 2.84 -8.17 -31.66
N VAL C 3 3.56 -8.37 -30.55
CA VAL C 3 4.80 -9.12 -30.53
C VAL C 3 4.72 -10.17 -29.43
N PHE C 4 5.00 -11.43 -29.77
CA PHE C 4 4.94 -12.50 -28.79
C PHE C 4 6.15 -12.45 -27.87
N PHE C 5 5.90 -12.68 -26.58
CA PHE C 5 6.98 -12.77 -25.59
C PHE C 5 7.61 -14.15 -25.71
N ALA C 6 8.72 -14.22 -26.44
CA ALA C 6 9.41 -15.49 -26.71
C ALA C 6 10.91 -15.31 -26.61
N PRO C 7 11.44 -15.13 -25.40
CA PRO C 7 12.89 -15.00 -25.23
C PRO C 7 13.59 -16.35 -25.35
N ASP C 8 14.90 -16.27 -25.64
CA ASP C 8 15.76 -17.45 -25.70
C ASP C 8 16.30 -17.70 -24.31
N VAL C 9 15.58 -18.50 -23.54
CA VAL C 9 15.92 -18.81 -22.15
C VAL C 9 16.45 -20.24 -22.08
N GLY C 10 17.55 -20.42 -21.36
CA GLY C 10 18.17 -21.72 -21.18
C GLY C 10 19.67 -21.64 -21.37
N SER C 11 20.29 -22.82 -21.29
CA SER C 11 21.74 -22.92 -21.46
C SER C 11 22.11 -22.77 -22.94
#